data_6M8O
#
_entry.id   6M8O
#
_cell.length_a   84.747
_cell.length_b   84.747
_cell.length_c   157.304
_cell.angle_alpha   90.00
_cell.angle_beta   90.00
_cell.angle_gamma   120.00
#
_symmetry.space_group_name_H-M   'P 61 2 2'
#
loop_
_entity.id
_entity.type
_entity.pdbx_description
1 polymer 'DNA-binding response regulator'
2 non-polymer 'SULFATE ION'
3 water water
#
_entity_poly.entity_id   1
_entity_poly.type   'polypeptide(L)'
_entity_poly.pdbx_seq_one_letter_code
;MKALIIDDEPLARNELTYLLNEIGGFEEINEAENVKETLEALLINQYDIIFLDVNLMDENGIELGAKIQKMKEPPAIIFA
TAHDQYAVQAFELNATDYILKPFGQKRIEQAVNKVRATKAKDDNNASAIANDMS
;
_entity_poly.pdbx_strand_id   A
#
# COMPACT_ATOMS: atom_id res chain seq x y z
N MET A 1 -2.39 -12.57 -7.46
CA MET A 1 -1.85 -11.23 -7.09
C MET A 1 -1.57 -11.21 -5.60
N LYS A 2 -0.38 -10.76 -5.20
CA LYS A 2 -0.01 -10.69 -3.77
C LYS A 2 0.03 -9.23 -3.35
N ALA A 3 -0.47 -8.91 -2.15
CA ALA A 3 -0.48 -7.51 -1.69
C ALA A 3 0.05 -7.45 -0.27
N LEU A 4 0.61 -6.30 0.11
CA LEU A 4 1.13 -6.12 1.48
C LEU A 4 0.49 -4.86 2.05
N ILE A 5 -0.11 -4.95 3.22
CA ILE A 5 -0.77 -3.75 3.82
C ILE A 5 0.11 -3.24 4.95
N ILE A 6 0.45 -1.96 4.92
CA ILE A 6 1.32 -1.37 5.96
C ILE A 6 0.56 -0.24 6.65
N ASP A 7 0.15 -0.48 7.90
CA ASP A 7 -0.58 0.52 8.72
C ASP A 7 -0.19 0.25 10.18
N ASP A 8 -0.19 1.30 11.01
CA ASP A 8 0.17 1.11 12.42
C ASP A 8 -1.06 0.57 13.19
N GLU A 9 -2.26 0.96 12.77
CA GLU A 9 -3.52 0.54 13.41
C GLU A 9 -3.98 -0.79 12.83
N PRO A 10 -4.05 -1.89 13.62
CA PRO A 10 -4.43 -3.20 13.10
C PRO A 10 -5.86 -3.27 12.56
N LEU A 11 -6.73 -2.41 13.05
CA LEU A 11 -8.14 -2.40 12.59
C LEU A 11 -8.12 -2.04 11.10
N ALA A 12 -7.39 -0.97 10.76
CA ALA A 12 -7.27 -0.47 9.38
C ALA A 12 -6.75 -1.58 8.46
N ARG A 13 -5.79 -2.35 8.94
CA ARG A 13 -5.23 -3.46 8.13
C ARG A 13 -6.35 -4.46 7.90
N ASN A 14 -7.20 -4.66 8.90
CA ASN A 14 -8.29 -5.65 8.76
C ASN A 14 -9.33 -5.13 7.77
N GLU A 15 -9.75 -3.87 7.93
CA GLU A 15 -10.74 -3.28 7.00
C GLU A 15 -10.24 -3.44 5.57
N LEU A 16 -9.01 -3.04 5.32
CA LEU A 16 -8.43 -3.13 3.95
C LEU A 16 -8.40 -4.60 3.52
N THR A 17 -8.01 -5.50 4.42
CA THR A 17 -7.95 -6.92 4.03
C THR A 17 -9.33 -7.39 3.61
N TYR A 18 -10.36 -6.98 4.33
CA TYR A 18 -11.73 -7.41 4.00
C TYR A 18 -12.05 -7.01 2.56
N LEU A 19 -11.95 -5.70 2.29
CA LEU A 19 -12.25 -5.16 0.94
C LEU A 19 -11.49 -5.91 -0.14
N LEU A 20 -10.20 -6.14 0.05
CA LEU A 20 -9.40 -6.86 -0.97
C LEU A 20 -9.99 -8.25 -1.19
N ASN A 21 -10.34 -8.94 -0.13
CA ASN A 21 -10.92 -10.30 -0.28
C ASN A 21 -12.27 -10.19 -0.98
N GLU A 22 -13.05 -9.15 -0.68
CA GLU A 22 -14.34 -8.95 -1.36
C GLU A 22 -14.06 -8.80 -2.86
N ILE A 23 -13.10 -7.95 -3.21
CA ILE A 23 -12.74 -7.74 -4.64
C ILE A 23 -12.26 -9.06 -5.22
N GLY A 24 -11.40 -9.78 -4.49
CA GLY A 24 -10.90 -11.10 -4.96
C GLY A 24 -9.69 -11.00 -5.87
N GLY A 25 -9.06 -12.14 -6.14
CA GLY A 25 -7.88 -12.16 -7.03
C GLY A 25 -6.59 -12.03 -6.26
N PHE A 26 -6.66 -12.15 -4.94
CA PHE A 26 -5.44 -12.02 -4.10
C PHE A 26 -5.12 -13.37 -3.48
N GLU A 27 -4.09 -14.03 -4.00
CA GLU A 27 -3.64 -15.35 -3.52
C GLU A 27 -2.99 -15.18 -2.16
N GLU A 28 -2.48 -13.99 -1.86
CA GLU A 28 -1.80 -13.78 -0.55
C GLU A 28 -1.91 -12.31 -0.15
N ILE A 29 -2.21 -12.06 1.11
CA ILE A 29 -2.31 -10.67 1.64
C ILE A 29 -1.61 -10.65 3.00
N ASN A 30 -0.41 -10.05 3.07
CA ASN A 30 0.33 -9.97 4.35
C ASN A 30 0.27 -8.55 4.89
N GLU A 31 0.56 -8.37 6.17
CA GLU A 31 0.53 -7.00 6.74
C GLU A 31 1.87 -6.67 7.39
N ALA A 32 2.05 -5.42 7.77
CA ALA A 32 3.27 -4.93 8.45
C ALA A 32 2.90 -3.66 9.20
N GLU A 33 3.53 -3.39 10.34
CA GLU A 33 3.15 -2.17 11.09
C GLU A 33 4.31 -1.18 11.14
N ASN A 34 5.46 -1.56 10.58
CA ASN A 34 6.63 -0.64 10.65
C ASN A 34 7.55 -0.89 9.45
N VAL A 35 8.64 -0.14 9.38
CA VAL A 35 9.62 -0.24 8.26
C VAL A 35 10.32 -1.58 8.32
N LYS A 36 10.71 -2.04 9.51
CA LYS A 36 11.46 -3.31 9.62
C LYS A 36 10.62 -4.43 9.00
N GLU A 37 9.40 -4.61 9.51
CA GLU A 37 8.50 -5.69 9.01
C GLU A 37 8.30 -5.53 7.51
N THR A 38 8.02 -4.31 7.08
CA THR A 38 7.80 -3.99 5.65
C THR A 38 8.99 -4.46 4.83
N LEU A 39 10.19 -3.96 5.14
CA LEU A 39 11.39 -4.33 4.35
C LEU A 39 11.65 -5.83 4.46
N GLU A 40 11.48 -6.36 5.66
CA GLU A 40 11.66 -7.81 5.85
C GLU A 40 10.73 -8.52 4.88
N ALA A 41 9.47 -8.13 4.89
CA ALA A 41 8.44 -8.77 4.02
C ALA A 41 8.84 -8.63 2.55
N LEU A 42 9.22 -7.43 2.13
CA LEU A 42 9.57 -7.18 0.71
C LEU A 42 10.76 -8.05 0.30
N LEU A 43 11.73 -8.19 1.19
CA LEU A 43 12.95 -8.99 0.91
C LEU A 43 12.60 -10.41 0.49
N ILE A 44 11.65 -11.05 1.17
CA ILE A 44 11.40 -12.49 0.88
C ILE A 44 10.17 -12.75 0.03
N ASN A 45 9.54 -11.73 -0.55
CA ASN A 45 8.32 -12.02 -1.35
C ASN A 45 8.12 -11.01 -2.48
N GLN A 46 7.62 -11.48 -3.62
CA GLN A 46 7.36 -10.58 -4.77
C GLN A 46 5.92 -10.07 -4.64
N TYR A 47 5.76 -8.80 -4.27
CA TYR A 47 4.40 -8.23 -4.11
C TYR A 47 4.05 -7.41 -5.35
N ASP A 48 2.83 -7.58 -5.84
CA ASP A 48 2.37 -6.83 -7.03
C ASP A 48 1.96 -5.43 -6.59
N ILE A 49 1.44 -5.31 -5.38
CA ILE A 49 0.95 -3.99 -4.94
C ILE A 49 1.04 -3.91 -3.42
N ILE A 50 1.34 -2.73 -2.89
CA ILE A 50 1.40 -2.56 -1.41
C ILE A 50 0.54 -1.35 -1.06
N PHE A 51 -0.22 -1.46 0.02
CA PHE A 51 -1.05 -0.33 0.49
C PHE A 51 -0.29 0.25 1.66
N LEU A 52 -0.01 1.54 1.62
CA LEU A 52 0.86 2.10 2.66
C LEU A 52 0.28 3.38 3.22
N ASP A 53 0.29 3.50 4.54
CA ASP A 53 -0.17 4.76 5.19
C ASP A 53 0.94 5.79 5.01
N VAL A 54 0.62 7.06 5.18
CA VAL A 54 1.59 8.18 5.01
C VAL A 54 2.64 8.14 6.12
N ASN A 55 2.29 7.63 7.30
CA ASN A 55 3.25 7.55 8.41
C ASN A 55 2.97 6.28 9.22
N LEU A 56 4.03 5.56 9.61
CA LEU A 56 3.90 4.39 10.48
C LEU A 56 4.38 4.85 11.85
N MET A 57 3.44 5.17 12.74
CA MET A 57 3.76 5.73 14.08
C MET A 57 4.70 6.91 13.86
N ASP A 58 6.00 6.71 14.08
CA ASP A 58 6.95 7.84 13.93
C ASP A 58 7.74 7.71 12.63
N GLU A 59 7.71 6.53 12.00
CA GLU A 59 8.45 6.34 10.72
C GLU A 59 7.69 7.09 9.61
N ASN A 60 8.41 7.55 8.58
CA ASN A 60 7.77 8.31 7.49
C ASN A 60 7.41 7.38 6.33
N GLY A 61 6.12 7.27 6.01
CA GLY A 61 5.67 6.39 4.92
C GLY A 61 6.12 6.88 3.56
N ILE A 62 5.99 8.17 3.32
CA ILE A 62 6.41 8.74 2.00
C ILE A 62 7.85 8.34 1.73
N GLU A 63 8.74 8.64 2.67
CA GLU A 63 10.17 8.30 2.50
C GLU A 63 10.31 6.80 2.28
N LEU A 64 9.60 5.99 3.08
CA LEU A 64 9.65 4.52 2.88
C LEU A 64 9.24 4.22 1.45
N GLY A 65 8.12 4.78 1.00
CA GLY A 65 7.69 4.56 -0.39
C GLY A 65 8.78 4.95 -1.35
N ALA A 66 9.34 6.13 -1.17
CA ALA A 66 10.42 6.65 -2.04
C ALA A 66 11.52 5.61 -2.20
N LYS A 67 12.00 5.07 -1.08
CA LYS A 67 13.10 4.06 -1.11
C LYS A 67 12.62 2.80 -1.80
N ILE A 68 11.35 2.43 -1.62
CA ILE A 68 10.78 1.20 -2.24
C ILE A 68 10.78 1.28 -3.76
N GLN A 69 10.67 2.48 -4.34
CA GLN A 69 10.67 2.70 -5.81
C GLN A 69 12.06 2.54 -6.43
N LYS A 70 13.13 2.43 -5.62
CA LYS A 70 14.51 2.21 -6.10
C LYS A 70 14.80 0.71 -6.21
N MET A 71 13.80 -0.14 -6.01
CA MET A 71 13.93 -1.61 -6.11
C MET A 71 14.04 -2.02 -7.58
N LYS A 72 14.59 -3.20 -7.86
CA LYS A 72 14.71 -3.66 -9.27
C LYS A 72 13.30 -3.68 -9.88
N GLU A 73 12.41 -4.47 -9.31
CA GLU A 73 11.00 -4.56 -9.72
C GLU A 73 10.16 -4.13 -8.53
N PRO A 74 9.94 -2.82 -8.32
CA PRO A 74 9.16 -2.37 -7.19
C PRO A 74 7.72 -2.81 -7.38
N PRO A 75 6.95 -3.03 -6.30
CA PRO A 75 5.54 -3.31 -6.44
C PRO A 75 4.83 -1.95 -6.58
N ALA A 76 3.58 -1.96 -7.02
CA ALA A 76 2.87 -0.68 -7.16
C ALA A 76 2.65 -0.09 -5.76
N ILE A 77 2.78 1.21 -5.61
CA ILE A 77 2.59 1.80 -4.26
C ILE A 77 1.28 2.58 -4.24
N ILE A 78 0.38 2.20 -3.35
CA ILE A 78 -0.90 2.92 -3.20
C ILE A 78 -0.94 3.49 -1.79
N PHE A 79 -1.09 4.80 -1.67
CA PHE A 79 -1.16 5.40 -0.32
C PHE A 79 -2.61 5.35 0.12
N ALA A 80 -2.84 4.79 1.30
CA ALA A 80 -4.19 4.71 1.89
C ALA A 80 -4.11 5.37 3.26
N THR A 81 -4.57 6.61 3.36
CA THR A 81 -4.41 7.34 4.65
C THR A 81 -5.58 8.28 4.88
N ALA A 82 -5.66 8.82 6.08
CA ALA A 82 -6.70 9.80 6.44
C ALA A 82 -6.12 11.21 6.25
N HIS A 83 -4.84 11.31 5.89
CA HIS A 83 -4.17 12.62 5.68
C HIS A 83 -4.15 12.93 4.19
N ASP A 84 -4.44 14.18 3.83
CA ASP A 84 -4.55 14.57 2.40
C ASP A 84 -3.55 15.66 2.05
N GLN A 85 -2.39 15.69 2.69
CA GLN A 85 -1.43 16.77 2.37
C GLN A 85 -0.22 16.22 1.60
N TYR A 86 -0.18 14.92 1.36
CA TYR A 86 1.03 14.35 0.71
C TYR A 86 0.74 13.83 -0.69
N ALA A 87 -0.36 14.23 -1.31
CA ALA A 87 -0.65 13.74 -2.67
C ALA A 87 0.45 14.21 -3.62
N VAL A 88 0.87 15.47 -3.50
CA VAL A 88 1.91 16.01 -4.41
C VAL A 88 3.19 15.20 -4.25
N GLN A 89 3.57 14.89 -3.02
CA GLN A 89 4.80 14.09 -2.79
C GLN A 89 4.60 12.70 -3.38
N ALA A 90 3.41 12.13 -3.23
CA ALA A 90 3.11 10.79 -3.79
C ALA A 90 3.32 10.80 -5.30
N PHE A 91 2.85 11.84 -5.97
CA PHE A 91 3.02 11.96 -7.43
C PHE A 91 4.51 12.06 -7.76
N GLU A 92 5.25 12.81 -6.95
CA GLU A 92 6.70 13.02 -7.15
C GLU A 92 7.46 11.69 -7.11
N LEU A 93 7.07 10.80 -6.21
CA LEU A 93 7.78 9.50 -6.08
C LEU A 93 7.10 8.44 -6.94
N ASN A 94 6.34 8.86 -7.94
CA ASN A 94 5.66 7.94 -8.88
C ASN A 94 4.79 6.92 -8.15
N ALA A 95 3.94 7.38 -7.23
CA ALA A 95 3.04 6.44 -6.53
C ALA A 95 1.92 6.04 -7.50
N THR A 96 1.38 4.83 -7.38
CA THR A 96 0.33 4.41 -8.33
C THR A 96 -1.00 5.08 -8.01
N ASP A 97 -1.30 5.28 -6.74
CA ASP A 97 -2.57 5.94 -6.36
C ASP A 97 -2.44 6.45 -4.92
N TYR A 98 -3.33 7.36 -4.54
CA TYR A 98 -3.38 7.93 -3.18
C TYR A 98 -4.85 7.93 -2.78
N ILE A 99 -5.22 7.05 -1.86
CA ILE A 99 -6.66 6.94 -1.49
C ILE A 99 -6.89 7.49 -0.09
N LEU A 100 -7.83 8.43 0.02
CA LEU A 100 -8.15 9.11 1.30
C LEU A 100 -9.20 8.29 2.07
N LYS A 101 -9.04 8.16 3.38
CA LYS A 101 -10.02 7.43 4.22
C LYS A 101 -11.17 8.38 4.50
N PRO A 102 -12.43 7.90 4.65
CA PRO A 102 -12.70 6.47 4.58
C PRO A 102 -13.01 6.15 3.12
N PHE A 103 -12.68 4.94 2.69
CA PHE A 103 -12.91 4.57 1.28
C PHE A 103 -13.73 3.29 1.22
N GLY A 104 -14.31 3.00 0.06
CA GLY A 104 -15.12 1.80 -0.10
C GLY A 104 -14.48 0.82 -1.05
N GLN A 105 -15.18 -0.27 -1.36
CA GLN A 105 -14.64 -1.31 -2.25
C GLN A 105 -14.48 -0.76 -3.67
N LYS A 106 -15.37 0.13 -4.09
CA LYS A 106 -15.30 0.64 -5.48
C LYS A 106 -14.00 1.42 -5.69
N ARG A 107 -13.65 2.31 -4.76
CA ARG A 107 -12.44 3.13 -4.93
C ARG A 107 -11.19 2.25 -4.86
N ILE A 108 -11.17 1.24 -4.00
CA ILE A 108 -9.99 0.35 -3.90
C ILE A 108 -9.88 -0.44 -5.20
N GLU A 109 -11.01 -0.87 -5.74
CA GLU A 109 -11.05 -1.64 -7.00
C GLU A 109 -10.42 -0.81 -8.11
N GLN A 110 -10.77 0.48 -8.17
CA GLN A 110 -10.21 1.38 -9.19
C GLN A 110 -8.69 1.29 -9.17
N ALA A 111 -8.10 1.49 -7.99
CA ALA A 111 -6.63 1.43 -7.85
C ALA A 111 -6.11 0.06 -8.26
N VAL A 112 -6.68 -0.99 -7.68
CA VAL A 112 -6.24 -2.37 -8.01
C VAL A 112 -6.32 -2.57 -9.52
N ASN A 113 -7.41 -2.11 -10.14
CA ASN A 113 -7.56 -2.29 -11.60
C ASN A 113 -6.47 -1.46 -12.29
N LYS A 114 -6.17 -0.30 -11.74
CA LYS A 114 -5.12 0.58 -12.31
C LYS A 114 -3.83 -0.22 -12.44
N VAL A 115 -3.42 -0.91 -11.37
CA VAL A 115 -2.15 -1.68 -11.39
C VAL A 115 -2.26 -2.93 -12.28
N ARG A 116 -3.46 -3.43 -12.58
CA ARG A 116 -3.54 -4.60 -13.49
C ARG A 116 -3.16 -4.14 -14.91
N ALA A 117 -1.86 -4.15 -15.22
CA ALA A 117 -1.29 -3.67 -16.50
C ALA A 117 0.02 -4.42 -16.75
N THR A 118 0.02 -5.30 -17.76
CA THR A 118 1.22 -6.10 -18.11
C THR A 118 1.26 -6.34 -19.63
#